data_5FJG
#
_entry.id   5FJG
#
_cell.length_a   77.027
_cell.length_b   49.434
_cell.length_c   77.912
_cell.angle_alpha   90.00
_cell.angle_beta   96.94
_cell.angle_gamma   90.00
#
_symmetry.space_group_name_H-M   'I 1 2 1'
#
loop_
_entity.id
_entity.type
_entity.pdbx_description
1 polymer 'CHLORIDE PUMPING RHODOPSIN'
2 non-polymer ANHYDRORETINOL
3 non-polymer 'CHLORIDE ION'
4 non-polymer 'OLEIC ACID'
5 water water
#
_entity_poly.entity_id   1
_entity_poly.type   'polypeptide(L)'
_entity_poly.pdbx_seq_one_letter_code
;PNSMKNIESLFDYSAGQFEFIDHLLTMGVGVHFAALIFFLVVSQFVAPKYRIATALSCIVMVSAGLILNSQAVMWTDAYA
YVDGSYQLQDLTFSNGYRYVNWMATIPCLLLQLLIVLNLKGKELFSTATWLILAAWGMIITGYVGQLYEVDDIAQLMIWG
AVSTAFFVVMNWIVGTKIFKNRATMLGGTDSTITKVFWLMMFAWTLYPIAYLVPAFMNNADGVVLRQLLFTIADISSKVI
YGLMITYIAIQQSAAAGYVPAQQALGRIGMDSKAA
;
_entity_poly.pdbx_strand_id   A
#
# COMPACT_ATOMS: atom_id res chain seq x y z
N PRO A 1 0.40 -23.36 5.87
CA PRO A 1 -1.04 -23.23 6.19
C PRO A 1 -1.84 -22.73 4.97
N ASN A 2 -1.77 -21.43 4.71
CA ASN A 2 -2.29 -20.86 3.49
C ASN A 2 -1.39 -21.11 2.28
N SER A 3 -0.18 -21.62 2.51
CA SER A 3 0.81 -21.71 1.44
C SER A 3 0.33 -22.62 0.31
N MET A 4 -0.36 -23.72 0.65
CA MET A 4 -0.92 -24.64 -0.35
C MET A 4 -2.21 -24.12 -1.00
N LYS A 5 -2.74 -23.04 -0.45
CA LYS A 5 -3.92 -22.37 -1.01
C LYS A 5 -3.56 -21.24 -1.97
N ASN A 6 -2.28 -21.04 -2.24
CA ASN A 6 -1.83 -20.01 -3.19
C ASN A 6 -1.14 -20.67 -4.38
N ILE A 7 -1.30 -20.11 -5.59
CA ILE A 7 -0.77 -20.76 -6.77
C ILE A 7 0.78 -20.85 -6.77
N GLU A 8 1.48 -20.04 -5.96
CA GLU A 8 2.94 -20.11 -5.90
C GLU A 8 3.42 -21.53 -5.54
N SER A 9 2.64 -22.21 -4.72
CA SER A 9 2.98 -23.56 -4.29
C SER A 9 2.84 -24.61 -5.41
N LEU A 10 2.19 -24.26 -6.52
CA LEU A 10 1.95 -25.20 -7.61
C LEU A 10 3.16 -25.44 -8.52
N PHE A 11 4.14 -24.52 -8.52
CA PHE A 11 5.14 -24.48 -9.58
C PHE A 11 6.55 -24.66 -9.09
N ASP A 12 7.43 -25.14 -9.98
CA ASP A 12 8.87 -24.98 -9.84
C ASP A 12 9.27 -23.70 -10.56
N TYR A 13 10.35 -23.09 -10.13
CA TYR A 13 10.79 -21.81 -10.67
C TYR A 13 12.20 -21.93 -11.26
N SER A 14 12.38 -21.34 -12.44
CA SER A 14 13.73 -21.16 -12.97
C SER A 14 14.47 -20.26 -12.02
N ALA A 15 15.79 -20.33 -12.04
CA ALA A 15 16.59 -19.40 -11.25
C ALA A 15 16.24 -17.97 -11.61
N GLY A 16 15.94 -17.71 -12.89
CA GLY A 16 15.59 -16.35 -13.30
C GLY A 16 14.33 -15.83 -12.64
N GLN A 17 13.27 -16.63 -12.66
CA GLN A 17 11.99 -16.27 -12.09
C GLN A 17 12.13 -16.11 -10.59
N PHE A 18 12.76 -17.08 -9.96
CA PHE A 18 12.89 -17.11 -8.51
C PHE A 18 13.69 -15.94 -7.97
N GLU A 19 14.79 -15.62 -8.63
CA GLU A 19 15.69 -14.58 -8.15
C GLU A 19 15.16 -13.17 -8.44
N PHE A 20 14.48 -13.02 -9.57
CA PHE A 20 13.79 -11.79 -9.88
C PHE A 20 12.75 -11.46 -8.77
N ILE A 21 11.96 -12.43 -8.36
CA ILE A 21 11.00 -12.22 -7.27
C ILE A 21 11.74 -11.83 -5.98
N ASP A 22 12.79 -12.57 -5.66
CA ASP A 22 13.56 -12.23 -4.47
C ASP A 22 14.06 -10.78 -4.52
N HIS A 23 14.60 -10.38 -5.67
CA HIS A 23 15.17 -9.04 -5.84
C HIS A 23 14.12 -7.93 -5.87
N LEU A 24 12.94 -8.20 -6.43
CA LEU A 24 11.82 -7.27 -6.33
C LEU A 24 11.45 -6.95 -4.89
N LEU A 25 11.19 -8.00 -4.13
CA LEU A 25 10.90 -7.85 -2.69
C LEU A 25 12.03 -7.13 -1.93
N THR A 26 13.27 -7.50 -2.23
CA THR A 26 14.42 -6.88 -1.57
C THR A 26 14.57 -5.41 -1.92
N MET A 27 14.34 -5.08 -3.19
CA MET A 27 14.43 -3.71 -3.65
C MET A 27 13.35 -2.88 -2.96
N GLY A 28 12.17 -3.48 -2.83
CA GLY A 28 11.05 -2.87 -2.15
C GLY A 28 11.36 -2.52 -0.71
N VAL A 29 12.00 -3.45 0.00
CA VAL A 29 12.49 -3.19 1.35
C VAL A 29 13.40 -1.93 1.38
N GLY A 30 14.38 -1.87 0.47
CA GLY A 30 15.34 -0.80 0.43
C GLY A 30 14.68 0.54 0.20
N VAL A 31 13.71 0.54 -0.70
CA VAL A 31 13.02 1.76 -1.07
C VAL A 31 12.19 2.28 0.13
N HIS A 32 11.49 1.38 0.82
CA HIS A 32 10.65 1.75 1.96
C HIS A 32 11.52 2.25 3.13
N PHE A 33 12.62 1.55 3.41
CA PHE A 33 13.41 2.02 4.54
C PHE A 33 14.24 3.26 4.18
N ALA A 34 14.58 3.44 2.91
CA ALA A 34 15.24 4.69 2.52
C ALA A 34 14.27 5.89 2.66
N ALA A 35 13.03 5.67 2.21
CA ALA A 35 11.99 6.68 2.29
C ALA A 35 11.68 7.00 3.75
N LEU A 36 11.71 5.97 4.60
CA LEU A 36 11.55 6.14 6.04
C LEU A 36 12.49 7.20 6.61
N ILE A 37 13.74 7.20 6.17
CA ILE A 37 14.71 8.11 6.77
C ILE A 37 14.37 9.53 6.34
N PHE A 38 14.00 9.69 5.07
CA PHE A 38 13.55 10.97 4.56
C PHE A 38 12.33 11.52 5.33
N PHE A 39 11.31 10.70 5.50
CA PHE A 39 10.12 11.14 6.22
C PHE A 39 10.48 11.54 7.62
N LEU A 40 11.37 10.75 8.23
CA LEU A 40 11.85 11.04 9.56
C LEU A 40 12.52 12.42 9.62
N VAL A 41 13.54 12.68 8.79
CA VAL A 41 14.29 13.94 8.95
C VAL A 41 13.44 15.15 8.58
N VAL A 42 12.49 14.96 7.67
CA VAL A 42 11.66 16.06 7.18
C VAL A 42 10.49 16.43 8.14
N SER A 43 10.17 15.57 9.11
CA SER A 43 9.01 15.78 9.96
C SER A 43 9.15 17.03 10.89
N GLN A 44 10.38 17.42 11.19
CA GLN A 44 10.66 18.61 11.98
C GLN A 44 10.27 19.90 11.27
N PHE A 45 10.04 19.83 9.95
CA PHE A 45 9.64 20.98 9.13
C PHE A 45 8.13 21.02 8.91
N VAL A 46 7.42 20.13 9.57
CA VAL A 46 5.98 20.05 9.46
C VAL A 46 5.37 20.63 10.71
N ALA A 47 4.34 21.46 10.54
CA ALA A 47 3.73 22.09 11.70
C ALA A 47 2.97 21.03 12.52
N PRO A 48 2.82 21.25 13.83
CA PRO A 48 2.16 20.28 14.73
C PRO A 48 0.81 19.78 14.18
N LYS A 49 0.12 20.64 13.46
CA LYS A 49 -1.21 20.30 12.97
C LYS A 49 -1.17 19.15 11.97
N TYR A 50 -0.05 19.05 11.26
CA TYR A 50 0.08 18.06 10.24
C TYR A 50 1.13 17.02 10.56
N ARG A 51 1.90 17.20 11.64
CA ARG A 51 3.08 16.34 11.84
C ARG A 51 2.73 14.85 11.88
N ILE A 52 1.53 14.53 12.34
CA ILE A 52 1.06 13.14 12.38
C ILE A 52 0.96 12.47 10.99
N ALA A 53 0.66 13.26 9.96
CA ALA A 53 0.61 12.75 8.60
C ALA A 53 1.96 12.22 8.16
N THR A 54 3.06 12.87 8.57
CA THR A 54 4.40 12.43 8.17
C THR A 54 4.86 11.27 9.03
N ALA A 55 4.44 11.27 10.29
CA ALA A 55 4.74 10.15 11.18
C ALA A 55 4.06 8.87 10.69
N LEU A 56 2.87 9.03 10.12
CA LEU A 56 2.12 7.89 9.63
C LEU A 56 2.85 7.28 8.41
N SER A 57 3.54 8.11 7.65
CA SER A 57 4.33 7.61 6.52
C SER A 57 5.51 6.78 7.05
N CYS A 58 6.17 7.25 8.11
CA CYS A 58 7.22 6.48 8.75
C CYS A 58 6.71 5.11 9.17
N ILE A 59 5.58 5.08 9.87
CA ILE A 59 4.94 3.85 10.34
C ILE A 59 4.59 2.93 9.22
N VAL A 60 4.06 3.50 8.13
CA VAL A 60 3.72 2.69 6.97
C VAL A 60 4.98 2.12 6.30
N MET A 61 6.03 2.93 6.21
CA MET A 61 7.29 2.49 5.66
C MET A 61 7.83 1.27 6.38
N VAL A 62 7.87 1.31 7.72
CA VAL A 62 8.43 0.19 8.46
C VAL A 62 7.46 -1.01 8.43
N SER A 63 6.15 -0.75 8.49
CA SER A 63 5.18 -1.84 8.47
C SER A 63 5.25 -2.58 7.13
N ALA A 64 5.21 -1.83 6.02
CA ALA A 64 5.27 -2.45 4.72
C ALA A 64 6.67 -3.01 4.47
N GLY A 65 7.70 -2.28 4.88
CA GLY A 65 9.05 -2.77 4.68
C GLY A 65 9.30 -4.10 5.37
N LEU A 66 8.76 -4.24 6.59
CA LEU A 66 8.89 -5.48 7.34
C LEU A 66 8.12 -6.63 6.68
N ILE A 67 6.93 -6.37 6.17
CA ILE A 67 6.24 -7.43 5.44
C ILE A 67 6.99 -7.79 4.16
N LEU A 68 7.52 -6.82 3.42
CA LEU A 68 8.27 -7.17 2.22
C LEU A 68 9.52 -7.98 2.58
N ASN A 69 10.18 -7.62 3.68
CA ASN A 69 11.37 -8.31 4.11
C ASN A 69 11.05 -9.76 4.48
N SER A 70 10.02 -9.89 5.29
CA SER A 70 9.44 -11.17 5.67
C SER A 70 9.05 -12.00 4.44
N GLN A 71 8.38 -11.39 3.47
CA GLN A 71 8.02 -12.14 2.26
C GLN A 71 9.27 -12.66 1.57
N ALA A 72 10.30 -11.83 1.45
CA ALA A 72 11.55 -12.25 0.79
C ALA A 72 12.25 -13.39 1.53
N VAL A 73 12.22 -13.39 2.86
CA VAL A 73 12.89 -14.46 3.61
C VAL A 73 12.06 -15.72 3.51
N MET A 74 10.75 -15.58 3.67
CA MET A 74 9.86 -16.71 3.53
C MET A 74 9.97 -17.37 2.12
N TRP A 75 10.19 -16.56 1.10
CA TRP A 75 10.33 -17.04 -0.27
C TRP A 75 11.55 -17.94 -0.37
N THR A 76 12.68 -17.44 0.13
CA THR A 76 13.92 -18.19 0.08
C THR A 76 13.94 -19.37 1.05
N ASP A 77 13.24 -19.25 2.18
CA ASP A 77 12.93 -20.43 3.04
C ASP A 77 12.10 -21.53 2.38
N ALA A 78 11.16 -21.17 1.50
CA ALA A 78 10.19 -22.15 1.01
C ALA A 78 10.76 -23.02 -0.12
N TYR A 79 11.78 -22.52 -0.81
CA TYR A 79 12.26 -23.16 -2.04
C TYR A 79 13.76 -23.41 -1.98
N ALA A 80 14.17 -24.52 -2.58
CA ALA A 80 15.59 -24.82 -2.74
C ALA A 80 15.90 -25.20 -4.20
N TYR A 81 17.11 -24.87 -4.64
CA TYR A 81 17.53 -25.18 -5.98
C TYR A 81 17.89 -26.64 -5.99
N VAL A 82 17.03 -27.45 -6.59
CA VAL A 82 17.17 -28.92 -6.62
C VAL A 82 17.02 -29.34 -8.05
N ASP A 83 17.99 -30.10 -8.57
CA ASP A 83 17.94 -30.60 -9.95
C ASP A 83 17.52 -29.56 -11.03
N GLY A 84 18.22 -28.43 -11.07
CA GLY A 84 18.04 -27.46 -12.12
C GLY A 84 16.86 -26.50 -11.97
N SER A 85 16.19 -26.52 -10.82
CA SER A 85 15.11 -25.54 -10.56
C SER A 85 14.86 -25.34 -9.09
N TYR A 86 14.23 -24.20 -8.76
CA TYR A 86 13.76 -23.95 -7.41
C TYR A 86 12.48 -24.71 -7.15
N GLN A 87 12.55 -25.63 -6.19
CA GLN A 87 11.45 -26.53 -5.89
C GLN A 87 11.02 -26.34 -4.47
N LEU A 88 9.72 -26.48 -4.26
CA LEU A 88 9.12 -26.27 -2.96
C LEU A 88 9.69 -27.24 -1.93
N GLN A 89 10.24 -26.71 -0.85
CA GLN A 89 10.72 -27.52 0.27
C GLN A 89 9.76 -27.47 1.42
N ASP A 90 9.14 -26.31 1.68
CA ASP A 90 8.07 -26.30 2.68
C ASP A 90 7.17 -25.08 2.68
N LEU A 91 6.17 -25.17 3.55
CA LEU A 91 5.03 -24.28 3.63
C LEU A 91 5.32 -23.06 4.47
N THR A 92 6.15 -22.18 3.93
CA THR A 92 6.48 -20.96 4.63
C THR A 92 5.95 -19.75 3.85
N PHE A 93 5.64 -19.91 2.57
CA PHE A 93 5.26 -18.74 1.75
C PHE A 93 3.77 -18.62 1.44
N SER A 94 3.28 -17.39 1.59
CA SER A 94 1.88 -17.06 1.38
C SER A 94 1.73 -15.55 1.17
N ASN A 95 0.82 -15.13 0.31
CA ASN A 95 0.56 -13.69 0.14
C ASN A 95 -0.36 -13.19 1.23
N GLY A 96 -0.95 -14.12 1.99
CA GLY A 96 -1.89 -13.79 3.04
C GLY A 96 -1.38 -12.77 4.04
N TYR A 97 -0.08 -12.83 4.37
CA TYR A 97 0.53 -11.85 5.26
C TYR A 97 0.38 -10.41 4.79
N ARG A 98 0.52 -10.15 3.49
CA ARG A 98 0.19 -8.81 2.97
C ARG A 98 -1.20 -8.34 3.35
N TYR A 99 -2.18 -9.20 3.08
CA TYR A 99 -3.57 -8.86 3.33
C TYR A 99 -3.73 -8.48 4.78
N VAL A 100 -3.13 -9.28 5.67
CA VAL A 100 -3.29 -9.03 7.09
C VAL A 100 -2.65 -7.69 7.41
N ASN A 101 -1.49 -7.43 6.83
CA ASN A 101 -0.84 -6.16 7.10
C ASN A 101 -1.62 -4.94 6.61
N TRP A 102 -2.40 -5.09 5.54
CA TRP A 102 -3.24 -4.00 5.08
C TRP A 102 -4.23 -3.51 6.11
N MET A 103 -4.67 -4.40 7.00
CA MET A 103 -5.54 -4.06 8.13
C MET A 103 -5.00 -2.87 8.91
N ALA A 104 -3.65 -2.77 8.96
CA ALA A 104 -2.99 -1.69 9.67
C ALA A 104 -2.58 -0.56 8.74
N THR A 105 -1.96 -0.89 7.62
CA THR A 105 -1.41 0.13 6.74
C THR A 105 -2.46 0.89 5.91
N ILE A 106 -3.56 0.27 5.54
CA ILE A 106 -4.51 1.03 4.74
C ILE A 106 -5.14 2.13 5.62
N PRO A 107 -5.55 1.79 6.87
CA PRO A 107 -6.05 2.87 7.74
C PRO A 107 -5.03 3.98 7.96
N CYS A 108 -3.75 3.66 7.98
CA CYS A 108 -2.73 4.70 8.14
C CYS A 108 -2.68 5.64 6.93
N LEU A 109 -2.72 5.06 5.74
CA LEU A 109 -2.72 5.85 4.50
C LEU A 109 -3.91 6.79 4.45
N LEU A 110 -5.05 6.26 4.86
CA LEU A 110 -6.31 7.02 4.82
C LEU A 110 -6.28 8.14 5.84
N LEU A 111 -5.79 7.85 7.06
CA LEU A 111 -5.74 8.86 8.10
C LEU A 111 -4.82 10.02 7.73
N GLN A 112 -3.68 9.73 7.12
CA GLN A 112 -2.80 10.84 6.75
C GLN A 112 -3.44 11.73 5.68
N LEU A 113 -4.20 11.14 4.77
CA LEU A 113 -4.98 11.96 3.81
C LEU A 113 -5.97 12.87 4.55
N LEU A 114 -6.75 12.30 5.47
CA LEU A 114 -7.73 13.13 6.22
C LEU A 114 -7.09 14.32 6.96
N ILE A 115 -5.94 14.08 7.57
CA ILE A 115 -5.22 15.13 8.26
C ILE A 115 -4.83 16.29 7.34
N VAL A 116 -4.21 16.00 6.19
CA VAL A 116 -3.81 17.12 5.28
C VAL A 116 -5.03 17.74 4.57
N LEU A 117 -6.16 17.05 4.60
CA LEU A 117 -7.41 17.65 4.12
C LEU A 117 -8.00 18.65 5.13
N ASN A 118 -7.33 18.81 6.27
CA ASN A 118 -7.74 19.70 7.34
C ASN A 118 -9.04 19.29 8.00
N LEU A 119 -9.37 18.01 7.96
CA LEU A 119 -10.49 17.52 8.75
C LEU A 119 -10.03 17.49 10.19
N LYS A 120 -10.96 17.72 11.12
CA LYS A 120 -10.62 17.67 12.53
C LYS A 120 -11.85 17.29 13.32
N GLY A 121 -11.66 16.97 14.60
CA GLY A 121 -12.77 16.76 15.50
C GLY A 121 -13.71 15.66 15.08
N LYS A 122 -15.00 15.96 15.16
CA LYS A 122 -16.05 14.97 14.94
C LYS A 122 -16.02 14.45 13.52
N GLU A 123 -15.82 15.35 12.54
CA GLU A 123 -15.78 14.91 11.17
C GLU A 123 -14.59 13.99 10.94
N LEU A 124 -13.43 14.33 11.48
CA LEU A 124 -12.26 13.47 11.30
C LEU A 124 -12.53 12.10 11.87
N PHE A 125 -13.12 12.07 13.06
CA PHE A 125 -13.35 10.82 13.74
C PHE A 125 -14.38 9.96 13.02
N SER A 126 -15.50 10.56 12.62
CA SER A 126 -16.52 9.77 11.94
C SER A 126 -16.08 9.35 10.53
N THR A 127 -15.37 10.22 9.82
CA THR A 127 -14.92 9.93 8.45
C THR A 127 -13.91 8.75 8.50
N ALA A 128 -12.99 8.82 9.46
CA ALA A 128 -11.97 7.81 9.66
C ALA A 128 -12.61 6.47 9.98
N THR A 129 -13.65 6.52 10.81
CA THR A 129 -14.34 5.33 11.24
C THR A 129 -15.00 4.61 10.09
N TRP A 130 -15.77 5.34 9.29
CA TRP A 130 -16.44 4.75 8.12
C TRP A 130 -15.42 4.26 7.10
N LEU A 131 -14.35 5.03 6.91
CA LEU A 131 -13.31 4.63 5.96
C LEU A 131 -12.64 3.34 6.37
N ILE A 132 -12.32 3.19 7.65
CA ILE A 132 -11.51 2.04 7.95
C ILE A 132 -12.44 0.83 8.10
N LEU A 133 -13.72 1.02 8.44
CA LEU A 133 -14.67 -0.09 8.33
C LEU A 133 -14.84 -0.59 6.89
N ALA A 134 -14.97 0.35 5.96
CA ALA A 134 -15.05 -0.01 4.56
C ALA A 134 -13.75 -0.72 4.14
N ALA A 135 -12.59 -0.21 4.58
CA ALA A 135 -11.30 -0.83 4.24
C ALA A 135 -11.20 -2.22 4.81
N TRP A 136 -11.61 -2.38 6.06
CA TRP A 136 -11.55 -3.69 6.69
C TRP A 136 -12.46 -4.70 6.02
N GLY A 137 -13.67 -4.25 5.70
CA GLY A 137 -14.59 -5.00 4.85
C GLY A 137 -13.89 -5.50 3.58
N MET A 138 -13.27 -4.58 2.85
CA MET A 138 -12.60 -4.91 1.59
C MET A 138 -11.47 -5.93 1.80
N ILE A 139 -10.63 -5.68 2.81
CA ILE A 139 -9.44 -6.49 3.05
C ILE A 139 -9.82 -7.92 3.48
N ILE A 140 -10.75 -8.02 4.44
CA ILE A 140 -11.15 -9.31 4.99
C ILE A 140 -11.76 -10.19 3.92
N THR A 141 -12.69 -9.65 3.14
CA THR A 141 -13.32 -10.43 2.10
C THR A 141 -12.29 -10.80 1.05
N GLY A 142 -11.36 -9.90 0.78
CA GLY A 142 -10.33 -10.21 -0.20
C GLY A 142 -9.39 -11.29 0.31
N TYR A 143 -9.06 -11.21 1.60
CA TYR A 143 -8.24 -12.23 2.23
C TYR A 143 -8.90 -13.60 2.10
N VAL A 144 -10.20 -13.68 2.39
CA VAL A 144 -10.92 -14.94 2.25
C VAL A 144 -10.90 -15.45 0.79
N GLY A 145 -11.21 -14.57 -0.17
CA GLY A 145 -11.27 -14.97 -1.57
C GLY A 145 -9.97 -15.59 -2.03
N GLN A 146 -8.91 -15.04 -1.46
CA GLN A 146 -7.54 -15.33 -1.82
C GLN A 146 -7.15 -16.78 -1.42
N LEU A 147 -7.79 -17.27 -0.36
CA LEU A 147 -7.63 -18.65 0.08
C LEU A 147 -8.16 -19.66 -0.92
N TYR A 148 -8.94 -19.20 -1.89
CA TYR A 148 -9.50 -20.07 -2.92
C TYR A 148 -8.83 -20.01 -4.28
N GLU A 149 -7.68 -19.36 -4.40
CA GLU A 149 -7.14 -19.08 -5.72
C GLU A 149 -6.63 -20.35 -6.39
N VAL A 150 -6.36 -21.38 -5.60
CA VAL A 150 -5.95 -22.67 -6.19
C VAL A 150 -7.17 -23.52 -6.58
N ASP A 151 -8.08 -23.83 -5.67
CA ASP A 151 -9.10 -24.80 -6.07
C ASP A 151 -10.53 -24.29 -6.24
N ASP A 152 -10.77 -22.98 -6.22
CA ASP A 152 -12.12 -22.47 -6.52
C ASP A 152 -12.12 -21.01 -7.00
N ILE A 153 -11.79 -20.84 -8.27
CA ILE A 153 -11.72 -19.53 -8.92
C ILE A 153 -13.07 -18.81 -8.94
N ALA A 154 -14.18 -19.53 -9.04
CA ALA A 154 -15.50 -18.92 -8.87
C ALA A 154 -15.64 -18.25 -7.52
N GLN A 155 -15.20 -18.91 -6.46
CA GLN A 155 -15.32 -18.34 -5.13
C GLN A 155 -14.37 -17.14 -4.95
N LEU A 156 -13.16 -17.22 -5.51
CA LEU A 156 -12.23 -16.09 -5.58
C LEU A 156 -12.93 -14.86 -6.17
N MET A 157 -13.66 -15.07 -7.26
CA MET A 157 -14.29 -13.96 -7.95
C MET A 157 -15.45 -13.38 -7.18
N ILE A 158 -16.25 -14.22 -6.52
CA ILE A 158 -17.39 -13.69 -5.78
C ILE A 158 -16.94 -12.96 -4.52
N TRP A 159 -15.92 -13.46 -3.83
CA TRP A 159 -15.38 -12.73 -2.69
C TRP A 159 -14.78 -11.41 -3.15
N GLY A 160 -14.18 -11.45 -4.33
CA GLY A 160 -13.62 -10.29 -4.98
C GLY A 160 -14.65 -9.27 -5.40
N ALA A 161 -15.83 -9.73 -5.81
CA ALA A 161 -16.92 -8.81 -6.16
C ALA A 161 -17.40 -8.08 -4.90
N VAL A 162 -17.54 -8.84 -3.83
CA VAL A 162 -17.91 -8.30 -2.55
C VAL A 162 -16.83 -7.29 -2.05
N SER A 163 -15.57 -7.65 -2.20
CA SER A 163 -14.47 -6.80 -1.78
C SER A 163 -14.42 -5.47 -2.57
N THR A 164 -14.69 -5.60 -3.85
CA THR A 164 -14.80 -4.48 -4.76
C THR A 164 -15.95 -3.52 -4.39
N ALA A 165 -17.10 -4.03 -3.93
CA ALA A 165 -18.16 -3.15 -3.38
C ALA A 165 -17.64 -2.22 -2.29
N PHE A 166 -16.96 -2.84 -1.31
CA PHE A 166 -16.35 -2.08 -0.23
C PHE A 166 -15.35 -1.08 -0.79
N PHE A 167 -14.47 -1.55 -1.67
CA PHE A 167 -13.49 -0.69 -2.34
C PHE A 167 -14.15 0.54 -2.96
N VAL A 168 -15.21 0.31 -3.71
CA VAL A 168 -15.85 1.39 -4.47
C VAL A 168 -16.50 2.39 -3.52
N VAL A 169 -17.14 1.88 -2.48
CA VAL A 169 -17.71 2.77 -1.48
C VAL A 169 -16.63 3.58 -0.74
N MET A 170 -15.51 2.94 -0.42
CA MET A 170 -14.39 3.62 0.25
C MET A 170 -13.85 4.74 -0.62
N ASN A 171 -13.71 4.44 -1.91
CA ASN A 171 -13.20 5.41 -2.88
C ASN A 171 -14.15 6.59 -3.03
N TRP A 172 -15.44 6.32 -2.96
CA TRP A 172 -16.46 7.36 -2.99
C TRP A 172 -16.34 8.26 -1.76
N ILE A 173 -16.14 7.69 -0.58
CA ILE A 173 -15.92 8.55 0.57
C ILE A 173 -14.65 9.40 0.39
N VAL A 174 -13.55 8.75 0.03
CA VAL A 174 -12.28 9.43 -0.21
C VAL A 174 -12.40 10.57 -1.19
N GLY A 175 -12.94 10.27 -2.34
CA GLY A 175 -13.07 11.25 -3.39
C GLY A 175 -13.99 12.40 -2.98
N THR A 176 -15.11 12.05 -2.36
CA THR A 176 -16.07 13.08 -1.95
C THR A 176 -15.38 14.07 -0.96
N LYS A 177 -14.70 13.55 0.05
CA LYS A 177 -14.02 14.42 1.01
C LYS A 177 -12.93 15.21 0.34
N ILE A 178 -12.19 14.59 -0.57
CA ILE A 178 -11.15 15.34 -1.23
C ILE A 178 -11.74 16.50 -2.02
N PHE A 179 -12.75 16.24 -2.85
CA PHE A 179 -13.26 17.29 -3.70
C PHE A 179 -14.11 18.34 -2.96
N LYS A 180 -14.71 17.98 -1.84
CA LYS A 180 -15.45 18.97 -1.05
C LYS A 180 -14.59 19.80 -0.11
N ASN A 181 -13.35 19.38 0.14
CA ASN A 181 -12.48 20.07 1.06
C ASN A 181 -11.29 20.74 0.40
N ARG A 182 -11.25 20.69 -0.92
CA ARG A 182 -10.21 21.36 -1.71
C ARG A 182 -10.00 22.81 -1.33
N ALA A 183 -11.10 23.50 -1.07
CA ALA A 183 -11.08 24.94 -0.79
C ALA A 183 -10.35 25.30 0.49
N THR A 184 -10.32 24.40 1.46
CA THR A 184 -9.60 24.67 2.70
C THR A 184 -8.09 24.63 2.49
N MET A 185 -7.63 24.06 1.38
CA MET A 185 -6.23 23.69 1.29
C MET A 185 -5.38 24.91 1.00
N LEU A 186 -4.32 25.05 1.78
CA LEU A 186 -3.38 26.17 1.67
C LEU A 186 -2.26 25.94 0.67
N GLY A 187 -1.69 27.04 0.20
CA GLY A 187 -0.42 27.04 -0.50
C GLY A 187 -0.01 26.42 -1.85
N GLY A 188 -0.76 26.37 -2.94
CA GLY A 188 -2.12 25.98 -2.98
C GLY A 188 -2.09 24.47 -3.30
N THR A 189 -2.11 23.72 -2.23
CA THR A 189 -2.18 22.27 -2.25
C THR A 189 -3.58 21.78 -2.69
N ASP A 190 -4.49 22.73 -2.92
CA ASP A 190 -5.84 22.40 -3.41
C ASP A 190 -5.74 21.79 -4.79
N SER A 191 -4.70 22.17 -5.53
CA SER A 191 -4.40 21.53 -6.78
C SER A 191 -3.69 20.19 -6.59
N THR A 192 -2.70 20.16 -5.70
CA THR A 192 -1.95 18.95 -5.48
C THR A 192 -2.82 17.78 -5.00
N ILE A 193 -3.78 18.07 -4.13
CA ILE A 193 -4.55 17.00 -3.52
C ILE A 193 -5.41 16.24 -4.54
N THR A 194 -5.80 16.89 -5.62
CA THR A 194 -6.54 16.16 -6.64
C THR A 194 -5.64 15.16 -7.38
N LYS A 195 -4.36 15.47 -7.50
CA LYS A 195 -3.41 14.50 -8.06
C LYS A 195 -3.27 13.29 -7.14
N VAL A 196 -3.28 13.54 -5.83
CA VAL A 196 -3.25 12.46 -4.85
C VAL A 196 -4.47 11.55 -5.05
N PHE A 197 -5.65 12.10 -5.25
CA PHE A 197 -6.82 11.26 -5.53
C PHE A 197 -6.60 10.30 -6.71
N TRP A 198 -6.11 10.83 -7.83
CA TRP A 198 -5.91 10.01 -9.02
C TRP A 198 -4.80 8.97 -8.82
N LEU A 199 -3.75 9.36 -8.10
CA LEU A 199 -2.70 8.40 -7.75
C LEU A 199 -3.30 7.23 -6.99
N MET A 200 -4.23 7.51 -6.08
CA MET A 200 -4.83 6.47 -5.27
C MET A 200 -5.68 5.61 -6.16
N MET A 201 -6.51 6.22 -7.02
CA MET A 201 -7.36 5.44 -7.90
C MET A 201 -6.51 4.53 -8.77
N PHE A 202 -5.37 5.04 -9.19
CA PHE A 202 -4.48 4.26 -10.02
C PHE A 202 -3.82 3.15 -9.24
N ALA A 203 -3.04 3.54 -8.23
CA ALA A 203 -2.21 2.60 -7.49
C ALA A 203 -3.04 1.55 -6.79
N TRP A 204 -4.17 1.92 -6.20
CA TRP A 204 -4.94 0.97 -5.43
C TRP A 204 -5.67 -0.04 -6.33
N THR A 205 -6.04 0.37 -7.53
CA THR A 205 -6.65 -0.57 -8.48
C THR A 205 -5.68 -1.69 -8.96
N LEU A 206 -4.38 -1.50 -8.83
CA LEU A 206 -3.44 -2.56 -9.22
C LEU A 206 -3.60 -3.81 -8.34
N TYR A 207 -4.08 -3.64 -7.10
CA TYR A 207 -4.15 -4.75 -6.16
C TYR A 207 -5.26 -5.74 -6.59
N PRO A 208 -6.46 -5.25 -6.92
CA PRO A 208 -7.45 -6.20 -7.50
C PRO A 208 -6.97 -6.89 -8.77
N ILE A 209 -6.17 -6.20 -9.58
CA ILE A 209 -5.59 -6.85 -10.75
C ILE A 209 -4.64 -7.99 -10.35
N ALA A 210 -3.72 -7.73 -9.41
CA ALA A 210 -2.83 -8.76 -8.86
C ALA A 210 -3.64 -9.96 -8.32
N TYR A 211 -4.72 -9.64 -7.62
CA TYR A 211 -5.63 -10.62 -7.04
C TYR A 211 -6.21 -11.56 -8.07
N LEU A 212 -6.50 -11.05 -9.26
CA LEU A 212 -7.09 -11.83 -10.33
C LEU A 212 -6.10 -12.63 -11.20
N VAL A 213 -4.80 -12.41 -11.04
CA VAL A 213 -3.82 -13.18 -11.81
C VAL A 213 -4.08 -14.71 -11.86
N PRO A 214 -4.43 -15.34 -10.71
CA PRO A 214 -4.72 -16.78 -10.79
C PRO A 214 -5.84 -17.12 -11.77
N ALA A 215 -6.68 -16.14 -12.11
CA ALA A 215 -7.76 -16.39 -13.06
C ALA A 215 -7.35 -16.19 -14.52
N PHE A 216 -6.31 -15.40 -14.81
CA PHE A 216 -5.94 -15.17 -16.22
C PHE A 216 -4.51 -15.51 -16.56
N MET A 217 -3.71 -15.84 -15.57
CA MET A 217 -2.33 -16.28 -15.81
C MET A 217 -1.83 -17.16 -14.67
N ASN A 218 -2.42 -18.33 -14.59
CA ASN A 218 -2.12 -19.31 -13.57
C ASN A 218 -0.92 -20.17 -13.99
N ASN A 219 0.26 -19.59 -13.92
CA ASN A 219 1.52 -20.26 -14.24
C ASN A 219 2.65 -19.52 -13.51
N ALA A 220 3.88 -20.00 -13.61
CA ALA A 220 4.97 -19.41 -12.84
C ALA A 220 5.23 -17.94 -13.25
N ASP A 221 4.96 -17.59 -14.50
CA ASP A 221 5.24 -16.21 -14.91
C ASP A 221 4.13 -15.30 -14.40
N GLY A 222 2.95 -15.84 -14.17
CA GLY A 222 1.88 -15.07 -13.52
C GLY A 222 2.22 -14.76 -12.06
N VAL A 223 2.89 -15.71 -11.41
CA VAL A 223 3.42 -15.49 -10.07
C VAL A 223 4.37 -14.32 -10.08
N VAL A 224 5.26 -14.27 -11.07
CA VAL A 224 6.19 -13.16 -11.18
C VAL A 224 5.44 -11.85 -11.43
N LEU A 225 4.46 -11.89 -12.33
CA LEU A 225 3.70 -10.69 -12.69
C LEU A 225 2.97 -10.13 -11.46
N ARG A 226 2.36 -11.02 -10.69
CA ARG A 226 1.72 -10.61 -9.46
C ARG A 226 2.67 -9.94 -8.49
N GLN A 227 3.87 -10.45 -8.31
CA GLN A 227 4.79 -9.72 -7.40
C GLN A 227 5.25 -8.39 -7.99
N LEU A 228 5.39 -8.33 -9.30
CA LEU A 228 5.72 -7.11 -9.99
C LEU A 228 4.64 -6.04 -9.78
N LEU A 229 3.38 -6.44 -9.94
CA LEU A 229 2.24 -5.58 -9.72
C LEU A 229 2.19 -5.09 -8.28
N PHE A 230 2.31 -5.98 -7.32
CA PHE A 230 2.44 -5.61 -5.90
C PHE A 230 3.56 -4.59 -5.70
N THR A 231 4.69 -4.78 -6.36
CA THR A 231 5.82 -3.88 -6.20
C THR A 231 5.56 -2.47 -6.73
N ILE A 232 5.03 -2.39 -7.94
CA ILE A 232 4.60 -1.14 -8.53
C ILE A 232 3.57 -0.45 -7.65
N ALA A 233 2.56 -1.22 -7.25
CA ALA A 233 1.48 -0.73 -6.40
C ALA A 233 1.97 -0.28 -5.01
N ASP A 234 2.84 -1.07 -4.39
CA ASP A 234 3.38 -0.69 -3.07
C ASP A 234 4.16 0.62 -3.13
N ILE A 235 5.12 0.76 -4.04
CA ILE A 235 5.87 1.99 -4.00
C ILE A 235 4.98 3.17 -4.47
N SER A 236 4.02 2.97 -5.38
CA SER A 236 3.10 4.05 -5.73
C SER A 236 2.16 4.46 -4.61
N SER A 237 1.52 3.48 -3.98
CA SER A 237 0.49 3.76 -2.99
C SER A 237 1.05 4.11 -1.64
N LYS A 238 2.30 3.76 -1.43
CA LYS A 238 2.91 3.99 -0.14
C LYS A 238 3.99 5.08 -0.16
N VAL A 239 4.96 4.89 -1.05
CA VAL A 239 6.10 5.80 -1.09
C VAL A 239 5.80 7.10 -1.83
N ILE A 240 5.33 7.01 -3.07
CA ILE A 240 5.06 8.20 -3.86
C ILE A 240 3.91 8.96 -3.22
N TYR A 241 2.88 8.23 -2.83
CA TYR A 241 1.77 8.80 -2.10
C TYR A 241 2.27 9.54 -0.85
N GLY A 242 3.10 8.88 -0.06
CA GLY A 242 3.67 9.46 1.14
C GLY A 242 4.46 10.74 0.91
N LEU A 243 5.26 10.73 -0.14
CA LEU A 243 6.00 11.94 -0.52
C LEU A 243 5.06 13.07 -0.87
N MET A 244 3.98 12.76 -1.60
CA MET A 244 3.03 13.82 -1.91
C MET A 244 2.31 14.33 -0.69
N ILE A 245 1.89 13.41 0.17
CA ILE A 245 1.26 13.81 1.44
C ILE A 245 2.19 14.73 2.22
N THR A 246 3.47 14.37 2.29
CA THR A 246 4.41 15.16 3.08
C THR A 246 4.68 16.52 2.42
N TYR A 247 4.74 16.56 1.10
CA TYR A 247 4.83 17.82 0.38
C TYR A 247 3.66 18.75 0.75
N ILE A 248 2.46 18.19 0.73
CA ILE A 248 1.24 18.92 1.05
C ILE A 248 1.25 19.39 2.50
N ALA A 249 1.76 18.55 3.40
CA ALA A 249 1.87 18.90 4.81
C ALA A 249 2.83 20.09 4.97
N ILE A 250 4.00 20.02 4.35
CA ILE A 250 5.01 21.08 4.54
C ILE A 250 4.53 22.42 3.93
N GLN A 251 4.00 22.32 2.73
CA GLN A 251 3.47 23.47 2.00
C GLN A 251 2.35 24.16 2.78
N GLN A 252 1.38 23.40 3.28
CA GLN A 252 0.35 23.99 4.12
C GLN A 252 0.91 24.51 5.43
N SER A 253 1.90 23.82 5.98
CA SER A 253 2.56 24.30 7.19
C SER A 253 3.17 25.70 6.96
N ALA A 254 3.90 25.85 5.85
CA ALA A 254 4.57 27.10 5.50
C ALA A 254 3.54 28.22 5.31
N ALA A 255 2.51 27.93 4.53
CA ALA A 255 1.45 28.88 4.24
C ALA A 255 0.78 29.32 5.53
N ALA A 256 0.70 28.41 6.50
CA ALA A 256 0.06 28.73 7.77
C ALA A 256 1.03 29.42 8.76
N GLY A 257 2.24 29.72 8.32
CA GLY A 257 3.16 30.46 9.16
C GLY A 257 4.08 29.68 10.06
N TYR A 258 4.24 28.38 9.82
CA TYR A 258 5.19 27.57 10.57
C TYR A 258 6.57 27.82 10.00
N VAL A 259 7.42 28.49 10.78
CA VAL A 259 8.71 28.99 10.27
C VAL A 259 9.68 27.88 9.83
N PRO A 260 9.77 26.78 10.60
CA PRO A 260 10.67 25.74 10.07
C PRO A 260 10.27 25.26 8.66
N ALA A 261 8.97 25.24 8.36
CA ALA A 261 8.51 24.84 7.02
C ALA A 261 8.96 25.86 6.01
N GLN A 262 8.77 27.13 6.34
CA GLN A 262 9.19 28.22 5.45
C GLN A 262 10.68 28.15 5.13
N GLN A 263 11.48 28.03 6.18
CA GLN A 263 12.94 27.89 6.04
C GLN A 263 13.33 26.69 5.20
N ALA A 264 12.61 25.58 5.37
CA ALA A 264 12.91 24.39 4.61
C ALA A 264 12.63 24.60 3.13
N LEU A 265 11.45 25.12 2.84
CA LEU A 265 11.06 25.33 1.46
C LEU A 265 11.94 26.39 0.81
N GLY A 266 12.32 27.39 1.60
CA GLY A 266 13.16 28.46 1.13
C GLY A 266 14.55 27.96 0.77
N ARG A 267 15.06 27.02 1.57
CA ARG A 267 16.42 26.51 1.39
C ARG A 267 16.49 25.41 0.34
N ILE A 268 15.37 25.17 -0.35
CA ILE A 268 15.39 24.32 -1.54
C ILE A 268 14.99 25.16 -2.76
N GLY A 269 14.60 26.42 -2.52
CA GLY A 269 14.29 27.34 -3.59
C GLY A 269 15.54 27.75 -4.35
#